data_6VU7
#
_entry.id   6VU7
#
_cell.length_a   54.462
_cell.length_b   110.891
_cell.length_c   59.924
_cell.angle_alpha   90.000
_cell.angle_beta   116.708
_cell.angle_gamma   90.000
#
_symmetry.space_group_name_H-M   'P 1 21 1'
#
loop_
_entity.id
_entity.type
_entity.pdbx_description
1 polymer 'YbjN protein'
2 non-polymer 'CHLORIDE ION'
3 water water
#
_entity_poly.entity_id   1
_entity_poly.type   'polypeptide(L)'
_entity_poly.pdbx_seq_one_letter_code
;MTSLVVPGLDTLRQWLDDLGMSFFECDNCQALHLPHMQNFDGVFDAKIDLIDNTILFSAMAEVRPSAVLPLAADLSAINA
SSLTVKAFLDMQDDNLPKLVVCQSLSVMQGVTYEQFAWFVRQSEEQISMVILEANAHQLLLPTDDEGQNNVTENYFLH
;
_entity_poly.pdbx_strand_id   A,B,C,D
#
loop_
_chem_comp.id
_chem_comp.type
_chem_comp.name
_chem_comp.formula
CL non-polymer 'CHLORIDE ION' 'Cl -1'
#
# COMPACT_ATOMS: atom_id res chain seq x y z
N SER A 3 -26.57 -2.10 -12.86
CA SER A 3 -25.79 -1.05 -13.52
C SER A 3 -24.60 -0.63 -12.67
N LEU A 4 -23.70 -1.58 -12.41
CA LEU A 4 -22.46 -1.32 -11.68
C LEU A 4 -21.44 -0.72 -12.64
N VAL A 5 -21.09 0.54 -12.44
CA VAL A 5 -20.21 1.25 -13.37
C VAL A 5 -18.94 1.69 -12.65
N VAL A 6 -17.85 1.69 -13.40
CA VAL A 6 -16.61 2.33 -12.98
C VAL A 6 -16.63 3.73 -13.60
N PRO A 7 -17.08 4.75 -12.88
CA PRO A 7 -17.38 6.03 -13.52
C PRO A 7 -16.13 6.80 -13.92
N GLY A 8 -16.27 7.54 -15.02
CA GLY A 8 -15.32 8.58 -15.37
C GLY A 8 -15.78 9.93 -14.84
N LEU A 9 -14.96 10.95 -15.11
CA LEU A 9 -15.34 12.30 -14.72
C LEU A 9 -16.58 12.76 -15.47
N ASP A 10 -16.77 12.26 -16.70
CA ASP A 10 -18.00 12.57 -17.44
C ASP A 10 -19.21 11.88 -16.81
N THR A 11 -19.03 10.67 -16.27
CA THR A 11 -20.11 10.00 -15.56
C THR A 11 -20.47 10.75 -14.28
N LEU A 12 -19.47 11.30 -13.59
CA LEU A 12 -19.73 12.08 -12.38
C LEU A 12 -20.45 13.38 -12.71
N ARG A 13 -20.11 14.00 -13.84
CA ARG A 13 -20.80 15.22 -14.25
C ARG A 13 -22.27 14.96 -14.54
N GLN A 14 -22.56 13.89 -15.28
CA GLN A 14 -23.95 13.56 -15.59
C GLN A 14 -24.72 13.15 -14.36
N TRP A 15 -24.05 12.52 -13.38
CA TRP A 15 -24.75 12.09 -12.17
C TRP A 15 -25.13 13.28 -11.30
N LEU A 16 -24.24 14.27 -11.18
CA LEU A 16 -24.57 15.49 -10.43
C LEU A 16 -25.71 16.24 -11.10
N ASP A 17 -25.81 16.18 -12.43
CA ASP A 17 -26.92 16.82 -13.12
C ASP A 17 -28.22 16.07 -12.88
N ASP A 18 -28.15 14.73 -12.82
CA ASP A 18 -29.35 13.96 -12.54
C ASP A 18 -29.88 14.24 -11.14
N LEU A 19 -29.00 14.66 -10.22
CA LEU A 19 -29.39 15.00 -8.86
C LEU A 19 -29.71 16.48 -8.68
N GLY A 20 -29.70 17.26 -9.76
CA GLY A 20 -29.97 18.68 -9.66
C GLY A 20 -28.92 19.46 -8.89
N MET A 21 -27.69 18.94 -8.79
CA MET A 21 -26.64 19.58 -8.03
C MET A 21 -25.71 20.31 -8.99
N SER A 22 -25.67 21.64 -8.85
CA SER A 22 -24.84 22.45 -9.74
C SER A 22 -23.37 22.25 -9.41
N PHE A 23 -22.56 22.14 -10.47
CA PHE A 23 -21.12 22.00 -10.34
C PHE A 23 -20.45 22.98 -11.28
N PHE A 24 -19.15 23.18 -11.08
CA PHE A 24 -18.37 24.09 -11.90
C PHE A 24 -17.00 23.49 -12.14
N GLU A 25 -16.55 23.51 -13.39
CA GLU A 25 -15.27 22.96 -13.77
C GLU A 25 -14.67 23.85 -14.83
N CYS A 26 -13.40 24.17 -14.62
CA CYS A 26 -12.60 25.03 -15.46
C CYS A 26 -12.14 24.29 -16.73
N ASP A 27 -11.31 24.96 -17.52
CA ASP A 27 -10.64 24.31 -18.65
C ASP A 27 -9.38 23.60 -18.17
N ASN A 28 -8.62 24.24 -17.27
CA ASN A 28 -7.35 23.67 -16.82
C ASN A 28 -7.52 22.46 -15.92
N CYS A 29 -8.52 22.45 -15.07
CA CYS A 29 -8.52 21.51 -13.96
C CYS A 29 -9.18 20.18 -14.32
N GLN A 30 -9.53 19.46 -13.28
CA GLN A 30 -10.17 18.16 -13.38
C GLN A 30 -11.15 17.90 -12.24
N ALA A 31 -11.42 18.88 -11.37
CA ALA A 31 -12.29 18.69 -10.22
C ALA A 31 -13.62 19.42 -10.44
N LEU A 32 -14.69 18.90 -9.83
CA LEU A 32 -16.03 19.44 -10.00
C LEU A 32 -16.40 20.21 -8.74
N HIS A 33 -16.19 21.52 -8.76
CA HIS A 33 -16.45 22.35 -7.59
C HIS A 33 -17.96 22.53 -7.40
N LEU A 34 -18.41 22.44 -6.15
CA LEU A 34 -19.83 22.49 -5.82
C LEU A 34 -20.16 23.77 -5.08
N PRO A 35 -20.72 24.79 -5.75
CA PRO A 35 -20.98 26.07 -5.07
C PRO A 35 -22.03 25.98 -3.97
N HIS A 36 -22.86 24.93 -3.95
CA HIS A 36 -23.87 24.80 -2.91
C HIS A 36 -23.25 24.70 -1.53
N MET A 37 -22.06 24.10 -1.43
CA MET A 37 -21.40 23.95 -0.14
C MET A 37 -20.90 25.27 0.43
N GLN A 38 -20.77 26.30 -0.41
CA GLN A 38 -20.27 27.59 0.07
C GLN A 38 -21.29 28.36 0.91
N ASN A 39 -22.55 27.90 0.95
CA ASN A 39 -23.53 28.52 1.83
C ASN A 39 -23.23 28.24 3.29
N PHE A 40 -22.53 27.15 3.59
CA PHE A 40 -22.14 26.85 4.96
C PHE A 40 -21.03 27.79 5.39
N ASP A 41 -21.16 28.35 6.59
CA ASP A 41 -20.17 29.29 7.10
C ASP A 41 -18.81 28.62 7.23
N GLY A 42 -17.77 29.30 6.75
CA GLY A 42 -16.42 28.80 6.81
C GLY A 42 -16.00 27.96 5.64
N VAL A 43 -16.94 27.40 4.88
CA VAL A 43 -16.59 26.58 3.72
C VAL A 43 -16.12 27.50 2.62
N PHE A 44 -14.82 27.45 2.31
CA PHE A 44 -14.27 28.27 1.23
C PHE A 44 -14.47 27.62 -0.13
N ASP A 45 -14.32 26.30 -0.20
CA ASP A 45 -14.42 25.58 -1.47
C ASP A 45 -14.67 24.12 -1.19
N ALA A 46 -15.47 23.49 -2.04
CA ALA A 46 -15.74 22.06 -1.96
C ALA A 46 -15.81 21.48 -3.37
N LYS A 47 -15.14 20.35 -3.58
CA LYS A 47 -15.02 19.79 -4.91
C LYS A 47 -15.05 18.28 -4.84
N ILE A 48 -15.45 17.67 -5.95
CA ILE A 48 -15.41 16.22 -6.13
C ILE A 48 -14.22 15.90 -7.03
N ASP A 49 -13.33 15.05 -6.55
CA ASP A 49 -12.18 14.59 -7.31
C ASP A 49 -12.33 13.11 -7.64
N LEU A 50 -11.57 12.67 -8.65
CA LEU A 50 -11.54 11.26 -9.04
C LEU A 50 -10.08 10.91 -9.31
N ILE A 51 -9.42 10.30 -8.33
CA ILE A 51 -8.02 9.93 -8.42
C ILE A 51 -7.89 8.45 -8.06
N ASP A 52 -7.19 7.69 -8.89
CA ASP A 52 -6.85 6.29 -8.61
C ASP A 52 -8.10 5.48 -8.28
N ASN A 53 -9.15 5.66 -9.08
CA ASN A 53 -10.42 4.96 -8.89
C ASN A 53 -10.99 5.20 -7.50
N THR A 54 -10.93 6.46 -7.05
CA THR A 54 -11.48 6.84 -5.75
C THR A 54 -12.13 8.20 -5.90
N ILE A 55 -13.38 8.32 -5.45
CA ILE A 55 -14.08 9.59 -5.45
C ILE A 55 -13.77 10.30 -4.14
N LEU A 56 -13.45 11.60 -4.23
CA LEU A 56 -13.02 12.39 -3.08
C LEU A 56 -13.88 13.64 -3.00
N PHE A 57 -14.84 13.65 -2.08
CA PHE A 57 -15.58 14.85 -1.72
C PHE A 57 -14.83 15.54 -0.60
N SER A 58 -14.24 16.69 -0.90
CA SER A 58 -13.46 17.43 0.09
C SER A 58 -13.94 18.87 0.16
N ALA A 59 -13.93 19.43 1.36
CA ALA A 59 -14.20 20.84 1.60
C ALA A 59 -13.03 21.45 2.34
N MET A 60 -12.81 22.75 2.10
CA MET A 60 -11.66 23.45 2.67
C MET A 60 -12.12 24.67 3.44
N ALA A 61 -11.47 24.92 4.58
CA ALA A 61 -11.75 26.07 5.40
C ALA A 61 -10.44 26.71 5.82
N GLU A 62 -10.39 28.04 5.80
CA GLU A 62 -9.19 28.75 6.22
C GLU A 62 -9.17 28.88 7.74
N VAL A 63 -8.08 28.44 8.35
CA VAL A 63 -7.96 28.44 9.80
C VAL A 63 -7.31 29.73 10.25
N ARG A 64 -7.80 30.28 11.36
CA ARG A 64 -7.17 31.46 11.95
C ARG A 64 -5.80 31.08 12.50
N PRO A 65 -4.75 31.85 12.21
CA PRO A 65 -3.40 31.47 12.66
C PRO A 65 -3.30 31.25 14.17
N SER A 66 -4.02 32.05 14.97
CA SER A 66 -4.00 31.88 16.41
C SER A 66 -4.70 30.61 16.86
N ALA A 67 -5.50 29.98 16.00
CA ALA A 67 -6.23 28.77 16.35
C ALA A 67 -5.59 27.51 15.80
N VAL A 68 -4.46 27.62 15.10
CA VAL A 68 -3.85 26.46 14.45
C VAL A 68 -3.53 25.37 15.47
N LEU A 69 -2.83 25.74 16.55
CA LEU A 69 -2.44 24.73 17.54
C LEU A 69 -3.64 24.12 18.24
N PRO A 70 -4.62 24.89 18.75
CA PRO A 70 -5.80 24.23 19.34
C PRO A 70 -6.55 23.34 18.36
N LEU A 71 -6.74 23.77 17.12
CA LEU A 71 -7.43 22.94 16.14
C LEU A 71 -6.66 21.65 15.88
N ALA A 72 -5.34 21.75 15.75
CA ALA A 72 -4.53 20.54 15.58
C ALA A 72 -4.67 19.61 16.77
N ALA A 73 -4.83 20.17 17.98
CA ALA A 73 -4.88 19.35 19.18
C ALA A 73 -6.04 18.37 19.15
N ASP A 74 -7.23 18.85 18.76
CA ASP A 74 -8.43 18.01 18.75
C ASP A 74 -8.82 17.59 17.33
N LEU A 75 -7.83 17.47 16.43
CA LEU A 75 -8.08 16.80 15.16
C LEU A 75 -8.48 15.35 15.39
N SER A 76 -7.87 14.70 16.38
CA SER A 76 -8.24 13.33 16.72
C SER A 76 -9.70 13.24 17.16
N ALA A 77 -10.15 14.20 17.98
CA ALA A 77 -11.53 14.17 18.46
C ALA A 77 -12.51 14.45 17.32
N ILE A 78 -12.14 15.34 16.40
CA ILE A 78 -12.99 15.60 15.23
C ILE A 78 -13.10 14.35 14.37
N ASN A 79 -11.98 13.67 14.14
CA ASN A 79 -11.99 12.47 13.31
C ASN A 79 -12.73 11.33 13.99
N ALA A 80 -12.61 11.23 15.32
CA ALA A 80 -13.34 10.22 16.06
C ALA A 80 -14.82 10.54 16.17
N SER A 81 -15.23 11.78 15.86
CA SER A 81 -16.61 12.19 16.01
C SER A 81 -17.53 11.64 14.92
N SER A 82 -16.97 11.04 13.87
CA SER A 82 -17.79 10.54 12.77
C SER A 82 -17.22 9.22 12.28
N LEU A 83 -18.09 8.45 11.62
CA LEU A 83 -17.69 7.18 11.03
C LEU A 83 -17.21 7.31 9.60
N THR A 84 -17.34 8.50 8.99
CA THR A 84 -17.06 8.64 7.57
C THR A 84 -16.19 9.86 7.25
N VAL A 85 -16.22 10.87 8.11
CA VAL A 85 -15.55 12.13 7.80
C VAL A 85 -14.07 12.02 8.13
N LYS A 86 -13.25 12.76 7.37
CA LYS A 86 -11.82 12.86 7.60
C LYS A 86 -11.44 14.32 7.67
N ALA A 87 -10.58 14.67 8.63
CA ALA A 87 -10.16 16.05 8.81
C ALA A 87 -8.67 16.11 9.13
N PHE A 88 -7.98 17.05 8.49
CA PHE A 88 -6.55 17.27 8.73
C PHE A 88 -6.22 18.70 8.35
N LEU A 89 -5.00 19.11 8.69
CA LEU A 89 -4.53 20.47 8.45
C LEU A 89 -3.63 20.51 7.22
N ASP A 90 -3.84 21.52 6.38
CA ASP A 90 -3.06 21.75 5.18
C ASP A 90 -2.38 23.11 5.32
N MET A 91 -1.06 23.11 5.41
CA MET A 91 -0.29 24.32 5.69
C MET A 91 0.89 24.43 4.73
N GLN A 92 0.92 25.50 3.96
CA GLN A 92 2.05 25.84 3.10
C GLN A 92 2.63 27.19 3.53
N ASP A 93 3.82 27.48 3.00
CA ASP A 93 4.58 28.64 3.46
C ASP A 93 4.01 29.96 2.96
N ASP A 94 3.30 29.96 1.84
CA ASP A 94 2.71 31.17 1.29
C ASP A 94 1.19 31.21 1.45
N ASN A 95 0.59 30.16 2.00
CA ASN A 95 -0.86 30.06 2.11
C ASN A 95 -1.31 30.32 3.54
N LEU A 96 -2.58 30.68 3.67
CA LEU A 96 -3.22 30.63 4.98
C LEU A 96 -3.48 29.18 5.35
N PRO A 97 -3.29 28.80 6.61
CA PRO A 97 -3.53 27.41 7.00
C PRO A 97 -4.97 27.00 6.71
N LYS A 98 -5.13 25.77 6.24
CA LYS A 98 -6.44 25.27 5.80
C LYS A 98 -6.81 24.01 6.57
N LEU A 99 -8.10 23.88 6.86
CA LEU A 99 -8.66 22.65 7.40
C LEU A 99 -9.39 21.93 6.28
N VAL A 100 -8.90 20.74 5.92
CA VAL A 100 -9.51 19.92 4.87
C VAL A 100 -10.41 18.90 5.53
N VAL A 101 -11.69 18.93 5.18
CA VAL A 101 -12.67 17.97 5.67
C VAL A 101 -13.23 17.24 4.46
N CYS A 102 -13.13 15.91 4.47
CA CYS A 102 -13.40 15.15 3.26
C CYS A 102 -13.92 13.77 3.59
N GLN A 103 -14.47 13.11 2.57
CA GLN A 103 -14.85 11.71 2.60
C GLN A 103 -14.45 11.08 1.27
N SER A 104 -14.32 9.76 1.27
CA SER A 104 -13.86 9.05 0.08
C SER A 104 -14.76 7.85 -0.21
N LEU A 105 -14.96 7.58 -1.50
CA LEU A 105 -15.69 6.41 -1.96
C LEU A 105 -14.89 5.80 -3.10
N SER A 106 -14.32 4.62 -2.88
CA SER A 106 -13.53 3.96 -3.91
C SER A 106 -14.47 3.28 -4.89
N VAL A 107 -14.19 3.45 -6.18
CA VAL A 107 -15.03 2.95 -7.26
C VAL A 107 -14.28 1.93 -8.11
N MET A 108 -13.26 1.29 -7.54
CA MET A 108 -12.41 0.40 -8.32
C MET A 108 -13.20 -0.77 -8.92
N GLN A 109 -14.08 -1.39 -8.13
CA GLN A 109 -14.89 -2.49 -8.60
C GLN A 109 -16.30 -2.05 -8.96
N GLY A 110 -16.51 -0.76 -9.20
CA GLY A 110 -17.79 -0.24 -9.65
C GLY A 110 -18.62 0.29 -8.49
N VAL A 111 -19.53 1.21 -8.84
CA VAL A 111 -20.53 1.72 -7.92
C VAL A 111 -21.81 1.99 -8.71
N THR A 112 -22.91 2.10 -7.99
CA THR A 112 -24.20 2.44 -8.58
C THR A 112 -24.46 3.94 -8.41
N TYR A 113 -25.38 4.45 -9.24
CA TYR A 113 -25.81 5.83 -9.11
C TYR A 113 -26.44 6.09 -7.75
N GLU A 114 -27.09 5.08 -7.17
CA GLU A 114 -27.68 5.24 -5.85
C GLU A 114 -26.61 5.30 -4.76
N GLN A 115 -25.53 4.53 -4.91
CA GLN A 115 -24.43 4.59 -3.95
C GLN A 115 -23.74 5.95 -4.01
N PHE A 116 -23.60 6.51 -5.21
CA PHE A 116 -22.98 7.83 -5.34
C PHE A 116 -23.90 8.93 -4.80
N ALA A 117 -25.21 8.79 -5.02
CA ALA A 117 -26.16 9.79 -4.52
C ALA A 117 -26.11 9.87 -3.00
N TRP A 118 -26.05 8.73 -2.32
CA TRP A 118 -25.93 8.74 -0.87
C TRP A 118 -24.55 9.17 -0.42
N PHE A 119 -23.52 8.90 -1.23
CA PHE A 119 -22.18 9.33 -0.86
C PHE A 119 -22.09 10.84 -0.77
N VAL A 120 -22.68 11.55 -1.73
CA VAL A 120 -22.59 13.01 -1.72
C VAL A 120 -23.49 13.61 -0.65
N ARG A 121 -24.63 12.97 -0.34
CA ARG A 121 -25.52 13.52 0.67
C ARG A 121 -24.95 13.30 2.07
N GLN A 122 -24.44 12.09 2.34
CA GLN A 122 -23.76 11.86 3.61
C GLN A 122 -22.48 12.67 3.71
N SER A 123 -21.79 12.91 2.59
CA SER A 123 -20.62 13.77 2.61
C SER A 123 -20.99 15.18 3.03
N GLU A 124 -22.00 15.77 2.38
CA GLU A 124 -22.37 17.15 2.67
C GLU A 124 -22.88 17.31 4.09
N GLU A 125 -23.58 16.31 4.62
CA GLU A 125 -24.05 16.37 6.00
C GLU A 125 -22.89 16.28 6.97
N GLN A 126 -22.04 15.26 6.82
CA GLN A 126 -20.97 15.04 7.78
C GLN A 126 -19.88 16.11 7.67
N ILE A 127 -19.58 16.56 6.46
CA ILE A 127 -18.56 17.59 6.29
C ILE A 127 -19.04 18.92 6.88
N SER A 128 -20.30 19.29 6.61
CA SER A 128 -20.80 20.57 7.10
C SER A 128 -20.84 20.61 8.62
N MET A 129 -21.26 19.51 9.25
CA MET A 129 -21.35 19.50 10.71
C MET A 129 -19.97 19.62 11.37
N VAL A 130 -18.91 19.23 10.68
CA VAL A 130 -17.57 19.42 11.22
C VAL A 130 -17.14 20.88 11.10
N ILE A 131 -17.26 21.45 9.89
CA ILE A 131 -16.76 22.80 9.65
C ILE A 131 -17.58 23.83 10.41
N LEU A 132 -18.89 23.66 10.46
CA LEU A 132 -19.73 24.63 11.15
C LEU A 132 -19.49 24.61 12.65
N GLU A 133 -19.14 23.46 13.22
CA GLU A 133 -18.81 23.43 14.65
C GLU A 133 -17.45 24.05 14.92
N ALA A 134 -16.48 23.83 14.03
CA ALA A 134 -15.21 24.55 14.13
C ALA A 134 -15.42 26.05 13.92
N ASN A 135 -16.37 26.41 13.06
CA ASN A 135 -16.71 27.82 12.89
C ASN A 135 -17.41 28.38 14.13
N ALA A 136 -18.12 27.53 14.86
CA ALA A 136 -18.75 27.94 16.11
C ALA A 136 -17.77 27.97 17.28
N HIS A 137 -16.58 27.40 17.12
CA HIS A 137 -15.52 27.48 18.12
C HIS A 137 -14.52 28.57 17.81
N GLN A 138 -14.82 29.44 16.84
CA GLN A 138 -13.96 30.57 16.46
C GLN A 138 -12.58 30.09 16.02
N LEU A 139 -12.56 29.09 15.16
CA LEU A 139 -11.32 28.54 14.63
C LEU A 139 -11.10 28.86 13.16
N LEU A 140 -12.09 29.40 12.47
CA LEU A 140 -12.00 29.64 11.04
C LEU A 140 -12.15 31.13 10.73
N LEU A 141 -11.62 31.51 9.56
CA LEU A 141 -11.75 32.86 9.03
C LEU A 141 -13.04 32.99 8.22
N PRO A 142 -13.60 34.19 8.11
CA PRO A 142 -14.80 34.37 7.29
C PRO A 142 -14.49 34.21 5.81
N THR A 143 -15.49 33.75 5.07
CA THR A 143 -15.35 33.55 3.62
C THR A 143 -15.59 34.86 2.87
N THR B 2 -24.76 -8.87 -10.54
CA THR B 2 -24.28 -9.10 -9.18
C THR B 2 -25.36 -8.80 -8.15
N SER B 3 -25.21 -9.38 -6.96
CA SER B 3 -26.19 -9.21 -5.89
C SER B 3 -25.86 -7.96 -5.09
N LEU B 4 -26.83 -7.06 -4.97
CA LEU B 4 -26.70 -5.80 -4.24
C LEU B 4 -27.51 -5.95 -2.96
N VAL B 5 -26.81 -6.12 -1.83
CA VAL B 5 -27.44 -6.49 -0.57
C VAL B 5 -27.20 -5.40 0.47
N VAL B 6 -28.11 -5.34 1.45
CA VAL B 6 -27.87 -4.62 2.69
C VAL B 6 -27.36 -5.64 3.72
N PRO B 7 -26.08 -5.67 4.01
CA PRO B 7 -25.53 -6.76 4.83
C PRO B 7 -25.80 -6.57 6.31
N GLY B 8 -25.97 -7.71 6.99
CA GLY B 8 -25.88 -7.78 8.43
C GLY B 8 -24.54 -8.35 8.85
N LEU B 9 -24.36 -8.46 10.17
CA LEU B 9 -23.11 -9.04 10.67
C LEU B 9 -23.00 -10.52 10.33
N ASP B 10 -24.12 -11.19 10.04
CA ASP B 10 -24.05 -12.55 9.53
C ASP B 10 -23.56 -12.58 8.08
N THR B 11 -23.97 -11.59 7.29
CA THR B 11 -23.52 -11.52 5.90
C THR B 11 -22.01 -11.29 5.83
N LEU B 12 -21.48 -10.45 6.71
CA LEU B 12 -20.06 -10.09 6.64
C LEU B 12 -19.17 -11.29 6.95
N ARG B 13 -19.47 -12.01 8.05
CA ARG B 13 -18.63 -13.14 8.41
C ARG B 13 -18.76 -14.28 7.41
N GLN B 14 -19.94 -14.46 6.82
CA GLN B 14 -20.06 -15.42 5.72
C GLN B 14 -19.24 -14.96 4.53
N TRP B 15 -19.23 -13.65 4.25
CA TRP B 15 -18.37 -13.12 3.18
C TRP B 15 -16.90 -13.28 3.54
N LEU B 16 -16.55 -13.04 4.81
CA LEU B 16 -15.17 -13.25 5.25
C LEU B 16 -14.77 -14.72 5.10
N ASP B 17 -15.70 -15.64 5.37
CA ASP B 17 -15.41 -17.05 5.14
C ASP B 17 -15.18 -17.35 3.67
N ASP B 18 -15.96 -16.74 2.78
CA ASP B 18 -15.74 -16.90 1.36
C ASP B 18 -14.40 -16.32 0.91
N LEU B 19 -13.83 -15.41 1.70
CA LEU B 19 -12.54 -14.82 1.38
C LEU B 19 -11.38 -15.52 2.06
N GLY B 20 -11.64 -16.63 2.77
CA GLY B 20 -10.57 -17.32 3.47
C GLY B 20 -9.91 -16.49 4.55
N MET B 21 -10.66 -15.59 5.17
CA MET B 21 -10.14 -14.72 6.22
C MET B 21 -10.65 -15.22 7.57
N SER B 22 -9.73 -15.59 8.45
CA SER B 22 -10.11 -16.00 9.79
C SER B 22 -10.61 -14.80 10.59
N PHE B 23 -11.73 -14.96 11.26
CA PHE B 23 -12.29 -13.93 12.14
C PHE B 23 -12.63 -14.56 13.48
N PHE B 24 -12.29 -13.85 14.55
CA PHE B 24 -12.60 -14.29 15.91
C PHE B 24 -13.58 -13.33 16.53
N GLU B 25 -14.52 -13.88 17.29
CA GLU B 25 -15.68 -13.15 17.78
C GLU B 25 -15.90 -13.57 19.22
N CYS B 26 -15.38 -12.78 20.14
CA CYS B 26 -15.90 -12.81 21.49
C CYS B 26 -17.41 -12.62 21.40
N ASP B 27 -18.15 -13.62 21.87
CA ASP B 27 -19.61 -13.59 21.77
C ASP B 27 -20.14 -12.44 22.61
N ASN B 28 -19.24 -11.80 23.34
CA ASN B 28 -19.45 -10.51 23.97
C ASN B 28 -19.15 -9.34 23.03
N CYS B 29 -18.68 -9.59 21.82
CA CYS B 29 -18.21 -8.54 20.93
C CYS B 29 -19.16 -8.42 19.74
N GLN B 30 -19.47 -7.18 19.36
CA GLN B 30 -20.31 -6.87 18.23
C GLN B 30 -19.55 -6.84 16.91
N ALA B 31 -18.22 -6.94 16.95
CA ALA B 31 -17.37 -6.86 15.77
C ALA B 31 -16.74 -8.21 15.47
N LEU B 32 -16.13 -8.29 14.29
CA LEU B 32 -15.42 -9.49 13.82
C LEU B 32 -13.93 -9.17 13.86
N HIS B 33 -13.26 -9.65 14.90
CA HIS B 33 -11.84 -9.38 15.07
C HIS B 33 -11.02 -10.22 14.11
N LEU B 34 -9.98 -9.62 13.54
CA LEU B 34 -9.15 -10.26 12.52
C LEU B 34 -7.77 -10.54 13.11
N PRO B 35 -7.46 -11.78 13.46
CA PRO B 35 -6.14 -12.06 14.06
C PRO B 35 -4.99 -11.95 13.06
N HIS B 36 -5.26 -12.10 11.77
CA HIS B 36 -4.20 -11.98 10.76
C HIS B 36 -3.57 -10.59 10.78
N MET B 37 -4.33 -9.57 11.14
CA MET B 37 -3.84 -8.19 11.16
C MET B 37 -2.92 -7.91 12.33
N GLN B 38 -2.94 -8.73 13.37
CA GLN B 38 -2.21 -8.44 14.60
C GLN B 38 -0.78 -8.93 14.58
N ASN B 39 -0.38 -9.70 13.57
CA ASN B 39 1.01 -10.11 13.44
C ASN B 39 1.88 -9.01 12.83
N PHE B 40 1.28 -7.99 12.24
CA PHE B 40 2.01 -6.77 11.96
C PHE B 40 2.44 -6.16 13.29
N ASP B 41 3.74 -5.94 13.46
CA ASP B 41 4.23 -5.39 14.71
C ASP B 41 3.76 -3.95 14.86
N GLY B 42 3.13 -3.66 15.99
CA GLY B 42 2.45 -2.40 16.19
C GLY B 42 0.98 -2.61 16.46
N VAL B 43 0.31 -3.33 15.55
CA VAL B 43 -1.10 -3.62 15.70
C VAL B 43 -1.29 -4.53 16.90
N PHE B 44 -2.12 -4.10 17.86
CA PHE B 44 -2.53 -4.98 18.94
C PHE B 44 -3.95 -5.51 18.77
N ASP B 45 -4.74 -4.91 17.88
CA ASP B 45 -6.08 -5.41 17.59
C ASP B 45 -6.60 -4.75 16.31
N ALA B 46 -7.41 -5.50 15.58
CA ALA B 46 -8.08 -5.02 14.38
C ALA B 46 -9.42 -5.73 14.25
N LYS B 47 -10.43 -5.02 13.74
CA LYS B 47 -11.78 -5.55 13.74
C LYS B 47 -12.59 -4.95 12.60
N ILE B 48 -13.63 -5.66 12.20
CA ILE B 48 -14.62 -5.18 11.24
C ILE B 48 -15.91 -4.91 12.00
N ASP B 49 -16.38 -3.67 11.95
CA ASP B 49 -17.56 -3.26 12.69
C ASP B 49 -18.71 -2.95 11.73
N LEU B 50 -19.92 -2.88 12.30
CA LEU B 50 -21.11 -2.53 11.53
C LEU B 50 -21.97 -1.64 12.42
N ILE B 51 -21.90 -0.33 12.19
CA ILE B 51 -22.63 0.67 12.95
C ILE B 51 -23.35 1.59 11.97
N ASP B 52 -24.66 1.73 12.12
CA ASP B 52 -25.48 2.64 11.32
C ASP B 52 -25.18 2.46 9.83
N ASN B 53 -25.33 1.22 9.37
CA ASN B 53 -25.16 0.86 7.96
C ASN B 53 -23.79 1.30 7.44
N THR B 54 -22.75 1.12 8.25
CA THR B 54 -21.40 1.51 7.88
C THR B 54 -20.43 0.44 8.36
N ILE B 55 -19.67 -0.13 7.43
CA ILE B 55 -18.65 -1.10 7.78
C ILE B 55 -17.36 -0.35 8.14
N LEU B 56 -16.75 -0.73 9.26
CA LEU B 56 -15.55 -0.06 9.77
C LEU B 56 -14.43 -1.08 9.91
N PHE B 57 -13.47 -1.04 8.99
CA PHE B 57 -12.22 -1.78 9.14
C PHE B 57 -11.25 -0.88 9.90
N SER B 58 -10.98 -1.22 11.16
CA SER B 58 -10.14 -0.42 12.02
C SER B 58 -9.06 -1.27 12.66
N ALA B 59 -7.86 -0.73 12.77
CA ALA B 59 -6.76 -1.35 13.48
C ALA B 59 -6.25 -0.38 14.53
N MET B 60 -5.92 -0.91 15.71
CA MET B 60 -5.46 -0.11 16.83
C MET B 60 -4.06 -0.52 17.22
N ALA B 61 -3.20 0.47 17.45
CA ALA B 61 -1.82 0.25 17.85
C ALA B 61 -1.51 1.09 19.09
N GLU B 62 -0.78 0.49 20.02
CA GLU B 62 -0.38 1.20 21.23
C GLU B 62 0.77 2.15 20.91
N VAL B 63 0.61 3.42 21.30
CA VAL B 63 1.59 4.45 21.03
C VAL B 63 2.53 4.57 22.23
N ARG B 64 3.81 4.76 21.95
CA ARG B 64 4.76 5.07 23.01
C ARG B 64 4.43 6.44 23.59
N PRO B 65 4.31 6.56 24.92
CA PRO B 65 4.11 7.89 25.51
C PRO B 65 5.21 8.88 25.14
N SER B 66 6.41 8.39 24.80
CA SER B 66 7.47 9.26 24.31
C SER B 66 7.12 9.93 22.99
N ALA B 67 6.14 9.40 22.25
CA ALA B 67 5.90 9.83 20.88
C ALA B 67 4.50 10.36 20.62
N VAL B 68 3.67 10.53 21.65
CA VAL B 68 2.31 10.97 21.38
C VAL B 68 2.30 12.40 20.85
N LEU B 69 3.29 13.22 21.23
CA LEU B 69 3.33 14.59 20.74
C LEU B 69 3.81 14.65 19.29
N PRO B 70 4.91 13.99 18.91
CA PRO B 70 5.29 13.99 17.49
C PRO B 70 4.25 13.31 16.61
N LEU B 71 3.61 12.25 17.10
CA LEU B 71 2.60 11.56 16.31
C LEU B 71 1.35 12.42 16.14
N ALA B 72 0.95 13.15 17.19
CA ALA B 72 -0.22 14.02 17.08
C ALA B 72 0.00 15.11 16.05
N ALA B 73 1.21 15.67 16.00
CA ALA B 73 1.53 16.66 14.97
C ALA B 73 1.61 16.04 13.59
N ASP B 74 1.80 14.73 13.50
CA ASP B 74 1.91 14.03 12.22
C ASP B 74 0.58 13.49 11.72
N LEU B 75 -0.51 13.68 12.47
CA LEU B 75 -1.79 13.14 12.05
C LEU B 75 -2.26 13.75 10.73
N SER B 76 -1.96 15.03 10.52
CA SER B 76 -2.38 15.69 9.29
C SER B 76 -1.65 15.13 8.07
N ALA B 77 -0.35 14.88 8.19
CA ALA B 77 0.40 14.32 7.07
C ALA B 77 0.06 12.86 6.84
N ILE B 78 -0.31 12.13 7.89
CA ILE B 78 -0.70 10.73 7.72
C ILE B 78 -2.03 10.64 6.98
N ASN B 79 -3.04 11.40 7.44
CA ASN B 79 -4.34 11.36 6.79
C ASN B 79 -4.27 11.87 5.36
N ALA B 80 -3.47 12.91 5.12
CA ALA B 80 -3.28 13.42 3.78
C ALA B 80 -2.46 12.50 2.90
N SER B 81 -1.78 11.51 3.49
CA SER B 81 -0.95 10.59 2.71
C SER B 81 -1.76 9.53 2.00
N SER B 82 -3.02 9.32 2.38
CA SER B 82 -3.84 8.25 1.81
C SER B 82 -5.20 8.80 1.41
N LEU B 83 -5.71 8.31 0.28
CA LEU B 83 -7.01 8.73 -0.20
C LEU B 83 -8.16 8.15 0.61
N THR B 84 -7.94 7.06 1.34
CA THR B 84 -9.05 6.36 1.97
C THR B 84 -8.95 6.22 3.48
N VAL B 85 -7.77 5.98 4.04
CA VAL B 85 -7.70 5.65 5.47
C VAL B 85 -7.78 6.91 6.31
N LYS B 86 -8.04 6.69 7.60
CA LYS B 86 -8.15 7.72 8.61
C LYS B 86 -7.28 7.33 9.79
N ALA B 87 -6.72 8.32 10.46
CA ALA B 87 -5.80 8.05 11.58
C ALA B 87 -6.01 9.09 12.67
N PHE B 88 -6.23 8.61 13.90
CA PHE B 88 -6.40 9.49 15.04
C PHE B 88 -5.96 8.76 16.30
N LEU B 89 -5.83 9.51 17.39
CA LEU B 89 -5.41 8.97 18.67
C LEU B 89 -6.62 8.84 19.59
N ASP B 90 -6.61 7.79 20.41
CA ASP B 90 -7.59 7.61 21.49
C ASP B 90 -6.80 7.55 22.79
N MET B 91 -7.00 8.54 23.65
CA MET B 91 -6.19 8.71 24.86
C MET B 91 -7.11 8.85 26.06
N GLN B 92 -7.27 7.75 26.80
CA GLN B 92 -7.94 7.75 28.09
C GLN B 92 -6.87 7.81 29.19
N ASP B 93 -7.25 7.52 30.42
CA ASP B 93 -6.37 7.76 31.55
C ASP B 93 -5.80 6.52 32.21
N ASP B 94 -6.47 5.37 32.11
CA ASP B 94 -5.93 4.13 32.68
C ASP B 94 -5.18 3.29 31.65
N ASN B 95 -5.50 3.43 30.37
CA ASN B 95 -4.86 2.67 29.31
C ASN B 95 -3.87 3.55 28.55
N LEU B 96 -2.95 2.89 27.85
CA LEU B 96 -1.96 3.62 27.06
C LEU B 96 -2.63 4.30 25.88
N PRO B 97 -2.05 5.40 25.37
CA PRO B 97 -2.61 6.03 24.17
C PRO B 97 -2.54 5.08 22.98
N LYS B 98 -3.63 5.05 22.21
CA LYS B 98 -3.75 4.16 21.07
C LYS B 98 -3.90 4.96 19.78
N LEU B 99 -3.28 4.48 18.72
CA LEU B 99 -3.46 5.02 17.38
C LEU B 99 -4.49 4.17 16.65
N VAL B 100 -5.53 4.82 16.13
CA VAL B 100 -6.60 4.13 15.40
C VAL B 100 -6.43 4.44 13.93
N VAL B 101 -6.31 3.40 13.12
CA VAL B 101 -6.23 3.52 11.66
C VAL B 101 -7.43 2.77 11.10
N CYS B 102 -8.35 3.49 10.48
CA CYS B 102 -9.62 2.92 10.06
C CYS B 102 -9.91 3.23 8.59
N GLN B 103 -10.87 2.48 8.05
CA GLN B 103 -11.41 2.70 6.71
C GLN B 103 -12.90 2.39 6.75
N SER B 104 -13.67 3.14 5.96
CA SER B 104 -15.12 3.18 6.09
C SER B 104 -15.78 2.86 4.75
N LEU B 105 -16.91 2.13 4.81
CA LEU B 105 -17.67 1.76 3.62
C LEU B 105 -19.15 1.80 3.97
N SER B 106 -19.91 2.64 3.26
CA SER B 106 -21.33 2.79 3.52
C SER B 106 -22.11 1.70 2.79
N VAL B 107 -23.09 1.10 3.49
CA VAL B 107 -23.87 0.00 2.97
C VAL B 107 -25.36 0.28 3.00
N MET B 108 -25.77 1.51 3.35
CA MET B 108 -27.19 1.79 3.48
C MET B 108 -27.92 1.70 2.15
N GLN B 109 -27.22 2.00 1.04
CA GLN B 109 -27.78 1.79 -0.29
C GLN B 109 -27.33 0.47 -0.89
N GLY B 110 -26.83 -0.45 -0.07
CA GLY B 110 -26.47 -1.77 -0.53
C GLY B 110 -24.99 -1.88 -0.90
N VAL B 111 -24.57 -3.13 -1.06
CA VAL B 111 -23.19 -3.44 -1.41
C VAL B 111 -23.16 -4.84 -2.00
N THR B 112 -22.24 -5.06 -2.94
CA THR B 112 -22.01 -6.37 -3.52
C THR B 112 -20.87 -7.08 -2.81
N TYR B 113 -20.70 -8.36 -3.14
CA TYR B 113 -19.58 -9.12 -2.57
C TYR B 113 -18.24 -8.58 -3.05
N GLU B 114 -18.15 -8.24 -4.34
CA GLU B 114 -16.90 -7.74 -4.88
C GLU B 114 -16.53 -6.37 -4.31
N GLN B 115 -17.53 -5.55 -3.99
CA GLN B 115 -17.25 -4.26 -3.37
C GLN B 115 -16.70 -4.45 -1.96
N PHE B 116 -17.28 -5.39 -1.19
CA PHE B 116 -16.79 -5.64 0.16
C PHE B 116 -15.40 -6.26 0.14
N ALA B 117 -15.16 -7.20 -0.77
CA ALA B 117 -13.85 -7.82 -0.88
C ALA B 117 -12.77 -6.77 -1.16
N TRP B 118 -13.03 -5.88 -2.12
CA TRP B 118 -12.07 -4.83 -2.43
C TRP B 118 -11.90 -3.86 -1.27
N PHE B 119 -12.97 -3.61 -0.52
CA PHE B 119 -12.86 -2.74 0.65
C PHE B 119 -11.92 -3.33 1.69
N VAL B 120 -12.09 -4.61 2.00
CA VAL B 120 -11.21 -5.28 2.96
C VAL B 120 -9.77 -5.28 2.46
N ARG B 121 -9.59 -5.58 1.17
CA ARG B 121 -8.24 -5.63 0.60
C ARG B 121 -7.55 -4.27 0.69
N GLN B 122 -8.23 -3.21 0.24
CA GLN B 122 -7.62 -1.88 0.27
C GLN B 122 -7.43 -1.40 1.71
N SER B 123 -8.36 -1.73 2.60
CA SER B 123 -8.22 -1.33 4.00
C SER B 123 -7.00 -1.99 4.63
N GLU B 124 -6.84 -3.30 4.42
CA GLU B 124 -5.74 -4.02 5.04
C GLU B 124 -4.39 -3.58 4.51
N GLU B 125 -4.29 -3.33 3.20
CA GLU B 125 -3.06 -2.77 2.65
C GLU B 125 -2.78 -1.41 3.27
N GLN B 126 -3.67 -0.44 3.00
CA GLN B 126 -3.40 0.96 3.33
C GLN B 126 -3.23 1.18 4.84
N ILE B 127 -4.01 0.47 5.67
CA ILE B 127 -3.85 0.59 7.12
C ILE B 127 -2.48 0.07 7.54
N SER B 128 -2.07 -1.08 6.98
CA SER B 128 -0.81 -1.68 7.38
C SER B 128 0.39 -0.80 7.03
N MET B 129 0.30 -0.02 5.95
CA MET B 129 1.39 0.89 5.61
C MET B 129 1.53 2.00 6.65
N VAL B 130 0.41 2.58 7.10
CA VAL B 130 0.46 3.58 8.16
C VAL B 130 1.09 2.99 9.41
N ILE B 131 0.65 1.78 9.78
CA ILE B 131 1.22 1.10 10.94
C ILE B 131 2.68 0.76 10.71
N LEU B 132 3.02 0.27 9.52
CA LEU B 132 4.40 -0.10 9.24
C LEU B 132 5.32 1.12 9.27
N GLU B 133 4.88 2.23 8.68
CA GLU B 133 5.70 3.44 8.66
C GLU B 133 5.80 4.07 10.05
N ALA B 134 4.69 4.09 10.79
CA ALA B 134 4.71 4.61 12.15
C ALA B 134 5.66 3.80 13.02
N ASN B 135 5.71 2.48 12.82
CA ASN B 135 6.63 1.64 13.58
C ASN B 135 8.07 1.87 13.15
N ALA B 136 8.29 2.24 11.90
CA ALA B 136 9.65 2.54 11.46
C ALA B 136 10.20 3.78 12.14
N HIS B 137 9.35 4.77 12.38
CA HIS B 137 9.74 5.97 13.12
C HIS B 137 9.72 5.77 14.63
N GLN B 138 9.66 4.52 15.09
CA GLN B 138 9.66 4.22 16.51
C GLN B 138 8.60 5.00 17.27
N LEU B 139 7.35 4.96 16.82
CA LEU B 139 6.27 5.64 17.50
C LEU B 139 5.36 4.69 18.27
N LEU B 140 5.54 3.37 18.12
CA LEU B 140 4.61 2.39 18.66
C LEU B 140 5.32 1.46 19.64
N LEU B 141 4.53 0.88 20.53
CA LEU B 141 4.98 -0.16 21.45
C LEU B 141 4.77 -1.54 20.83
N PRO B 142 5.66 -2.49 21.08
CA PRO B 142 5.52 -3.82 20.48
C PRO B 142 4.40 -4.61 21.14
N THR B 143 4.13 -5.78 20.56
CA THR B 143 3.11 -6.68 21.09
C THR B 143 3.61 -8.12 21.12
N THR C 2 25.88 5.31 12.56
CA THR C 2 25.44 3.92 12.59
C THR C 2 26.53 2.97 12.10
N SER C 3 26.41 1.70 12.47
CA SER C 3 27.29 0.68 11.94
C SER C 3 26.86 0.31 10.53
N LEU C 4 27.81 -0.18 9.75
CA LEU C 4 27.55 -0.69 8.40
C LEU C 4 28.30 -2.01 8.28
N VAL C 5 27.55 -3.11 8.34
CA VAL C 5 28.12 -4.45 8.46
C VAL C 5 27.87 -5.21 7.16
N VAL C 6 28.86 -5.99 6.75
CA VAL C 6 28.62 -7.09 5.82
C VAL C 6 28.19 -8.27 6.68
N PRO C 7 26.89 -8.48 6.86
CA PRO C 7 26.44 -9.40 7.91
C PRO C 7 26.64 -10.86 7.51
N GLY C 8 27.15 -11.63 8.46
CA GLY C 8 27.16 -13.08 8.35
C GLY C 8 25.87 -13.68 8.88
N LEU C 9 25.84 -15.01 8.89
CA LEU C 9 24.67 -15.71 9.42
C LEU C 9 24.52 -15.46 10.91
N ASP C 10 25.65 -15.35 11.63
CA ASP C 10 25.60 -15.03 13.05
C ASP C 10 25.06 -13.62 13.27
N THR C 11 25.38 -12.69 12.37
CA THR C 11 24.89 -11.32 12.52
C THR C 11 23.38 -11.26 12.37
N LEU C 12 22.82 -12.00 11.40
CA LEU C 12 21.38 -12.00 11.22
C LEU C 12 20.67 -12.70 12.38
N ARG C 13 21.34 -13.65 13.03
CA ARG C 13 20.71 -14.39 14.12
C ARG C 13 20.46 -13.49 15.32
N GLN C 14 21.42 -12.63 15.67
CA GLN C 14 21.25 -11.74 16.81
C GLN C 14 20.44 -10.50 16.45
N TRP C 15 20.54 -10.02 15.20
CA TRP C 15 19.70 -8.91 14.77
C TRP C 15 18.22 -9.27 14.90
N LEU C 16 17.86 -10.50 14.55
CA LEU C 16 16.48 -10.93 14.69
C LEU C 16 16.05 -10.97 16.16
N ASP C 17 16.92 -11.43 17.05
CA ASP C 17 16.59 -11.40 18.46
C ASP C 17 16.59 -9.98 19.00
N ASP C 18 17.39 -9.09 18.41
CA ASP C 18 17.32 -7.67 18.76
C ASP C 18 15.97 -7.09 18.42
N LEU C 19 15.29 -7.65 17.44
CA LEU C 19 13.95 -7.22 17.05
C LEU C 19 12.85 -8.03 17.72
N GLY C 20 13.21 -8.91 18.65
CA GLY C 20 12.23 -9.81 19.23
C GLY C 20 11.69 -10.86 18.28
N MET C 21 12.34 -11.05 17.14
CA MET C 21 11.88 -12.03 16.16
C MET C 21 12.35 -13.42 16.55
N SER C 22 11.40 -14.33 16.72
CA SER C 22 11.75 -15.72 16.98
C SER C 22 12.06 -16.42 15.66
N PHE C 23 13.17 -17.13 15.62
CA PHE C 23 13.61 -17.81 14.40
C PHE C 23 13.91 -19.27 14.73
N PHE C 24 13.96 -20.08 13.67
CA PHE C 24 14.28 -21.49 13.79
C PHE C 24 15.26 -21.87 12.68
N GLU C 25 16.12 -22.85 12.97
CA GLU C 25 17.16 -23.26 12.05
C GLU C 25 17.49 -24.71 12.32
N CYS C 26 17.40 -25.56 11.31
CA CYS C 26 17.79 -26.96 11.52
C CYS C 26 19.31 -27.04 11.66
N ASP C 27 19.81 -28.26 11.86
CA ASP C 27 21.16 -28.44 12.38
C ASP C 27 22.21 -28.00 11.38
N ASN C 28 22.30 -28.69 10.24
CA ASN C 28 23.32 -28.39 9.24
C ASN C 28 22.84 -27.41 8.18
N CYS C 29 21.69 -26.76 8.38
CA CYS C 29 21.12 -25.92 7.35
C CYS C 29 21.55 -24.46 7.51
N GLN C 30 21.10 -23.63 6.57
CA GLN C 30 21.48 -22.24 6.52
C GLN C 30 20.29 -21.28 6.59
N ALA C 31 19.07 -21.76 6.37
CA ALA C 31 17.91 -20.89 6.42
C ALA C 31 17.52 -20.56 7.85
N LEU C 32 17.01 -19.35 8.06
CA LEU C 32 16.46 -18.91 9.33
C LEU C 32 14.95 -18.83 9.15
N HIS C 33 14.23 -19.85 9.61
CA HIS C 33 12.79 -19.89 9.43
C HIS C 33 12.09 -19.03 10.47
N LEU C 34 11.02 -18.37 10.05
CA LEU C 34 10.30 -17.45 10.93
C LEU C 34 8.91 -18.00 11.21
N PRO C 35 8.67 -18.57 12.39
CA PRO C 35 7.32 -19.09 12.69
C PRO C 35 6.28 -18.01 12.83
N HIS C 36 6.69 -16.77 13.08
CA HIS C 36 5.74 -15.66 13.20
C HIS C 36 4.95 -15.45 11.91
N MET C 37 5.52 -15.84 10.77
CA MET C 37 4.85 -15.69 9.48
C MET C 37 3.76 -16.72 9.24
N GLN C 38 3.66 -17.75 10.07
CA GLN C 38 2.69 -18.81 9.85
C GLN C 38 1.32 -18.49 10.43
N ASN C 39 1.14 -17.29 10.99
CA ASN C 39 -0.18 -16.85 11.42
C ASN C 39 -0.96 -16.17 10.31
N PHE C 40 -0.29 -15.72 9.26
CA PHE C 40 -0.98 -15.31 8.05
C PHE C 40 -1.56 -16.53 7.37
N ASP C 41 -2.83 -16.45 6.98
CA ASP C 41 -3.50 -17.59 6.38
C ASP C 41 -2.89 -17.91 5.02
N GLY C 42 -2.58 -19.20 4.81
CA GLY C 42 -2.03 -19.67 3.56
C GLY C 42 -0.51 -19.81 3.57
N VAL C 43 0.18 -19.20 4.51
CA VAL C 43 1.64 -19.21 4.55
C VAL C 43 2.09 -20.53 5.18
N PHE C 44 2.72 -21.39 4.38
CA PHE C 44 3.20 -22.67 4.88
C PHE C 44 4.57 -22.56 5.54
N ASP C 45 5.43 -21.68 5.04
CA ASP C 45 6.77 -21.52 5.57
C ASP C 45 7.35 -20.21 5.09
N ALA C 46 8.21 -19.63 5.93
CA ALA C 46 8.95 -18.42 5.57
C ALA C 46 10.32 -18.50 6.21
N LYS C 47 11.32 -17.95 5.52
CA LYS C 47 12.69 -18.09 5.99
C LYS C 47 13.55 -16.95 5.48
N ILE C 48 14.61 -16.66 6.22
CA ILE C 48 15.63 -15.71 5.83
C ILE C 48 16.84 -16.49 5.33
N ASP C 49 17.39 -16.06 4.20
CA ASP C 49 18.51 -16.75 3.57
C ASP C 49 19.59 -15.73 3.19
N LEU C 50 20.84 -16.16 3.27
CA LEU C 50 21.99 -15.31 2.95
C LEU C 50 22.80 -16.00 1.85
N ILE C 51 22.62 -15.55 0.61
CA ILE C 51 23.29 -16.12 -0.56
C ILE C 51 23.94 -14.98 -1.34
N ASP C 52 25.22 -15.16 -1.69
CA ASP C 52 25.94 -14.23 -2.56
C ASP C 52 25.80 -12.79 -2.08
N ASN C 53 25.99 -12.59 -0.78
CA ASN C 53 25.92 -11.27 -0.15
C ASN C 53 24.56 -10.60 -0.39
N THR C 54 23.49 -11.38 -0.19
CA THR C 54 22.14 -10.88 -0.38
C THR C 54 21.21 -11.62 0.56
N ILE C 55 20.36 -10.88 1.25
CA ILE C 55 19.37 -11.46 2.15
C ILE C 55 18.07 -11.69 1.39
N LEU C 56 17.47 -12.86 1.59
CA LEU C 56 16.25 -13.24 0.88
C LEU C 56 15.17 -13.62 1.90
N PHE C 57 14.24 -12.68 2.14
CA PHE C 57 13.04 -12.97 2.90
C PHE C 57 12.02 -13.58 1.94
N SER C 58 11.77 -14.87 2.08
CA SER C 58 10.87 -15.59 1.17
C SER C 58 9.84 -16.37 1.96
N ALA C 59 8.60 -16.37 1.48
CA ALA C 59 7.52 -17.14 2.06
C ALA C 59 6.90 -18.03 0.98
N MET C 60 6.35 -19.17 1.41
CA MET C 60 5.86 -20.18 0.50
C MET C 60 4.43 -20.56 0.84
N ALA C 61 3.56 -20.54 -0.17
CA ALA C 61 2.18 -20.97 -0.05
C ALA C 61 1.90 -22.01 -1.12
N GLU C 62 1.06 -22.99 -0.78
CA GLU C 62 0.77 -24.09 -1.68
C GLU C 62 -0.46 -23.79 -2.52
N VAL C 63 -0.30 -23.86 -3.83
CA VAL C 63 -1.36 -23.46 -4.76
C VAL C 63 -2.32 -24.61 -4.95
N ARG C 64 -3.61 -24.28 -5.04
CA ARG C 64 -4.60 -25.27 -5.43
C ARG C 64 -4.31 -25.73 -6.86
N PRO C 65 -4.29 -27.03 -7.12
CA PRO C 65 -3.96 -27.49 -8.48
C PRO C 65 -4.92 -27.00 -9.56
N SER C 66 -6.18 -26.76 -9.23
CA SER C 66 -7.11 -26.20 -10.21
C SER C 66 -6.92 -24.69 -10.41
N ALA C 67 -6.12 -24.04 -9.57
CA ALA C 67 -5.86 -22.61 -9.68
C ALA C 67 -4.52 -22.28 -10.31
N VAL C 68 -3.76 -23.31 -10.74
CA VAL C 68 -2.39 -23.07 -11.19
C VAL C 68 -2.38 -22.18 -12.43
N LEU C 69 -3.21 -22.51 -13.43
CA LEU C 69 -3.22 -21.71 -14.66
C LEU C 69 -3.72 -20.29 -14.42
N PRO C 70 -4.85 -20.06 -13.73
CA PRO C 70 -5.24 -18.66 -13.47
C PRO C 70 -4.20 -17.86 -12.71
N LEU C 71 -3.62 -18.43 -11.65
CA LEU C 71 -2.61 -17.72 -10.88
C LEU C 71 -1.38 -17.42 -11.74
N ALA C 72 -1.00 -18.36 -12.60
CA ALA C 72 0.16 -18.14 -13.47
C ALA C 72 -0.06 -16.97 -14.41
N ALA C 73 -1.29 -16.80 -14.89
CA ALA C 73 -1.60 -15.65 -15.74
C ALA C 73 -1.62 -14.35 -14.97
N ASP C 74 -1.84 -14.39 -13.65
CA ASP C 74 -1.91 -13.20 -12.82
C ASP C 74 -0.59 -12.86 -12.14
N LEU C 75 0.51 -13.54 -12.52
CA LEU C 75 1.78 -13.29 -11.85
C LEU C 75 2.34 -11.92 -12.19
N SER C 76 2.15 -11.46 -13.44
CA SER C 76 2.64 -10.15 -13.82
C SER C 76 1.89 -9.04 -13.09
N ALA C 77 0.56 -9.16 -12.99
CA ALA C 77 -0.22 -8.16 -12.27
C ALA C 77 0.14 -8.13 -10.80
N ILE C 78 0.43 -9.31 -10.22
CA ILE C 78 0.85 -9.37 -8.83
C ILE C 78 2.22 -8.70 -8.65
N ASN C 79 3.16 -9.04 -9.53
CA ASN C 79 4.50 -8.46 -9.43
C ASN C 79 4.48 -6.97 -9.71
N ALA C 80 3.56 -6.49 -10.55
CA ALA C 80 3.41 -5.07 -10.78
C ALA C 80 2.66 -4.36 -9.66
N SER C 81 1.92 -5.10 -8.84
CA SER C 81 1.16 -4.49 -7.76
C SER C 81 2.03 -3.92 -6.66
N SER C 82 3.30 -4.33 -6.59
CA SER C 82 4.20 -3.93 -5.53
C SER C 82 5.52 -3.47 -6.11
N LEU C 83 6.15 -2.52 -5.43
CA LEU C 83 7.43 -1.98 -5.85
C LEU C 83 8.60 -2.81 -5.34
N THR C 84 8.39 -3.67 -4.35
CA THR C 84 9.46 -4.43 -3.74
C THR C 84 9.30 -5.94 -3.82
N VAL C 85 8.07 -6.46 -3.82
CA VAL C 85 7.85 -7.90 -3.65
C VAL C 85 7.95 -8.60 -4.99
N LYS C 86 8.40 -9.84 -4.96
CA LYS C 86 8.48 -10.70 -6.12
C LYS C 86 7.61 -11.93 -5.89
N ALA C 87 6.97 -12.40 -6.95
CA ALA C 87 6.09 -13.56 -6.87
C ALA C 87 6.31 -14.46 -8.08
N PHE C 88 6.47 -15.76 -7.83
CA PHE C 88 6.62 -16.71 -8.92
C PHE C 88 6.15 -18.09 -8.45
N LEU C 89 5.93 -18.96 -9.42
CA LEU C 89 5.44 -20.31 -9.17
C LEU C 89 6.59 -21.30 -9.14
N ASP C 90 6.65 -22.11 -8.09
CA ASP C 90 7.62 -23.20 -7.96
C ASP C 90 6.85 -24.50 -7.93
N MET C 91 6.95 -25.29 -9.00
CA MET C 91 6.14 -26.47 -9.17
C MET C 91 7.03 -27.66 -9.50
N GLN C 92 7.00 -28.67 -8.62
CA GLN C 92 7.80 -29.87 -8.77
C GLN C 92 6.91 -31.06 -9.10
N ASP C 93 7.55 -32.13 -9.58
CA ASP C 93 6.81 -33.32 -9.98
C ASP C 93 6.10 -33.96 -8.79
N ASP C 94 6.84 -34.20 -7.71
CA ASP C 94 6.29 -34.88 -6.54
C ASP C 94 5.71 -33.93 -5.51
N ASN C 95 5.98 -32.63 -5.63
CA ASN C 95 5.43 -31.68 -4.68
C ASN C 95 4.11 -31.10 -5.19
N LEU C 96 3.44 -30.37 -4.31
CA LEU C 96 2.32 -29.55 -4.73
C LEU C 96 2.84 -28.21 -5.26
N PRO C 97 2.14 -27.59 -6.19
CA PRO C 97 2.61 -26.30 -6.72
C PRO C 97 2.70 -25.26 -5.62
N LYS C 98 3.88 -24.64 -5.51
CA LYS C 98 4.16 -23.66 -4.48
C LYS C 98 4.15 -22.26 -5.07
N LEU C 99 3.57 -21.31 -4.32
CA LEU C 99 3.63 -19.90 -4.66
C LEU C 99 4.69 -19.26 -3.78
N VAL C 100 5.83 -18.92 -4.37
CA VAL C 100 6.94 -18.32 -3.64
C VAL C 100 6.86 -16.81 -3.80
N VAL C 101 6.79 -16.12 -2.66
CA VAL C 101 6.76 -14.67 -2.63
C VAL C 101 7.95 -14.21 -1.80
N CYS C 102 8.76 -13.32 -2.37
CA CYS C 102 10.04 -12.99 -1.76
C CYS C 102 10.40 -11.53 -2.02
N GLN C 103 11.36 -11.05 -1.23
CA GLN C 103 11.92 -9.72 -1.36
C GLN C 103 13.37 -9.79 -0.91
N SER C 104 14.25 -9.06 -1.60
CA SER C 104 15.69 -9.19 -1.41
C SER C 104 16.30 -7.89 -0.92
N LEU C 105 17.31 -8.01 -0.06
CA LEU C 105 18.11 -6.88 0.40
C LEU C 105 19.57 -7.18 0.11
N SER C 106 20.22 -6.30 -0.66
CA SER C 106 21.61 -6.49 -1.01
C SER C 106 22.51 -5.96 0.10
N VAL C 107 23.45 -6.78 0.57
CA VAL C 107 24.33 -6.44 1.67
C VAL C 107 25.79 -6.47 1.25
N MET C 108 26.05 -6.41 -0.06
CA MET C 108 27.43 -6.47 -0.55
C MET C 108 28.26 -5.32 -0.02
N GLN C 109 27.70 -4.10 -0.05
CA GLN C 109 28.40 -2.91 0.42
C GLN C 109 28.00 -2.54 1.85
N GLY C 110 27.53 -3.50 2.63
CA GLY C 110 27.21 -3.24 4.02
C GLY C 110 25.84 -2.65 4.24
N VAL C 111 25.20 -3.02 5.35
CA VAL C 111 23.90 -2.46 5.73
C VAL C 111 23.94 -2.14 7.23
N THR C 112 23.02 -1.29 7.64
CA THR C 112 22.85 -0.96 9.05
C THR C 112 21.74 -1.80 9.67
N TYR C 113 21.73 -1.83 11.00
CA TYR C 113 20.76 -2.67 11.71
C TYR C 113 19.33 -2.21 11.44
N GLU C 114 19.11 -0.89 11.40
CA GLU C 114 17.77 -0.40 11.12
C GLU C 114 17.39 -0.55 9.66
N GLN C 115 18.38 -0.69 8.76
CA GLN C 115 18.07 -1.07 7.39
C GLN C 115 17.54 -2.49 7.34
N PHE C 116 18.19 -3.41 8.07
CA PHE C 116 17.72 -4.79 8.09
C PHE C 116 16.38 -4.91 8.81
N ALA C 117 16.21 -4.17 9.90
CA ALA C 117 14.94 -4.19 10.61
C ALA C 117 13.80 -3.74 9.70
N TRP C 118 13.95 -2.55 9.09
CA TRP C 118 12.91 -2.06 8.18
C TRP C 118 12.69 -3.02 7.02
N PHE C 119 13.75 -3.67 6.54
CA PHE C 119 13.61 -4.60 5.43
C PHE C 119 12.73 -5.78 5.80
N VAL C 120 12.87 -6.29 7.01
CA VAL C 120 12.14 -7.49 7.41
C VAL C 120 10.65 -7.20 7.49
N ARG C 121 10.26 -6.12 8.20
CA ARG C 121 8.86 -5.86 8.42
C ARG C 121 8.16 -5.29 7.20
N GLN C 122 8.88 -4.57 6.33
CA GLN C 122 8.29 -4.20 5.05
C GLN C 122 8.12 -5.41 4.15
N SER C 123 9.04 -6.36 4.25
CA SER C 123 8.91 -7.61 3.49
C SER C 123 7.70 -8.41 3.99
N GLU C 124 7.59 -8.60 5.29
CA GLU C 124 6.49 -9.37 5.84
C GLU C 124 5.17 -8.61 5.80
N GLU C 125 5.15 -7.38 5.32
CA GLU C 125 3.91 -6.67 5.05
C GLU C 125 3.50 -6.86 3.59
N GLN C 126 4.45 -6.69 2.66
CA GLN C 126 4.13 -6.90 1.24
C GLN C 126 3.89 -8.37 0.94
N ILE C 127 4.73 -9.25 1.47
CA ILE C 127 4.49 -10.69 1.33
C ILE C 127 3.14 -11.07 1.93
N SER C 128 2.79 -10.44 3.05
CA SER C 128 1.50 -10.70 3.68
C SER C 128 0.34 -10.33 2.74
N MET C 129 0.42 -9.13 2.15
CA MET C 129 -0.68 -8.66 1.31
C MET C 129 -0.83 -9.49 0.05
N VAL C 130 0.28 -10.00 -0.50
CA VAL C 130 0.20 -10.80 -1.73
C VAL C 130 -0.44 -12.15 -1.44
N ILE C 131 0.07 -12.86 -0.43
CA ILE C 131 -0.44 -14.19 -0.11
C ILE C 131 -1.88 -14.10 0.38
N LEU C 132 -2.18 -13.09 1.21
CA LEU C 132 -3.54 -12.94 1.72
C LEU C 132 -4.52 -12.59 0.60
N GLU C 133 -4.06 -11.91 -0.45
CA GLU C 133 -4.94 -11.62 -1.58
C GLU C 133 -5.18 -12.87 -2.42
N ALA C 134 -4.17 -13.72 -2.57
CA ALA C 134 -4.36 -14.96 -3.31
C ALA C 134 -5.29 -15.91 -2.55
N ASN C 135 -5.18 -15.95 -1.23
CA ASN C 135 -6.10 -16.77 -0.44
C ASN C 135 -7.52 -16.22 -0.50
N ALA C 136 -7.67 -14.91 -0.69
CA ALA C 136 -8.99 -14.33 -0.90
C ALA C 136 -9.58 -14.75 -2.23
N HIS C 137 -8.73 -15.03 -3.22
CA HIS C 137 -9.16 -15.53 -4.51
C HIS C 137 -9.33 -17.03 -4.54
N GLN C 138 -9.19 -17.70 -3.39
CA GLN C 138 -9.32 -19.16 -3.29
C GLN C 138 -8.34 -19.85 -4.23
N LEU C 139 -7.08 -19.40 -4.20
CA LEU C 139 -6.02 -19.97 -5.03
C LEU C 139 -5.10 -20.90 -4.25
N LEU C 140 -5.21 -20.94 -2.93
CA LEU C 140 -4.26 -21.65 -2.08
C LEU C 140 -4.97 -22.69 -1.23
N LEU C 141 -4.19 -23.66 -0.76
CA LEU C 141 -4.63 -24.71 0.14
C LEU C 141 -4.48 -24.27 1.59
N PRO C 142 -5.36 -24.73 2.48
CA PRO C 142 -5.25 -24.35 3.89
C PRO C 142 -4.00 -24.96 4.51
N THR C 143 -3.49 -24.27 5.54
CA THR C 143 -2.29 -24.69 6.23
C THR C 143 -2.57 -25.60 7.42
N ASP C 144 -3.83 -25.92 7.69
CA ASP C 144 -4.18 -26.76 8.82
C ASP C 144 -5.07 -27.91 8.35
N ASP C 145 -5.14 -28.94 9.20
CA ASP C 145 -5.91 -30.13 8.88
C ASP C 145 -7.41 -29.87 9.01
N SER D 3 27.33 9.86 3.81
CA SER D 3 26.23 10.12 4.74
C SER D 3 25.01 9.25 4.42
N LEU D 4 24.40 8.71 5.46
CA LEU D 4 23.13 8.00 5.30
C LEU D 4 22.03 9.03 5.06
N VAL D 5 21.40 8.98 3.88
CA VAL D 5 20.46 10.01 3.48
C VAL D 5 19.25 9.36 2.83
N VAL D 6 18.07 9.92 3.12
CA VAL D 6 16.86 9.64 2.34
C VAL D 6 16.89 10.58 1.14
N PRO D 7 17.31 10.12 -0.02
CA PRO D 7 17.56 11.04 -1.14
C PRO D 7 16.28 11.45 -1.86
N GLY D 8 16.32 12.66 -2.39
CA GLY D 8 15.36 13.10 -3.38
C GLY D 8 15.81 12.70 -4.77
N LEU D 9 15.10 13.23 -5.77
CA LEU D 9 15.50 12.99 -7.14
C LEU D 9 16.80 13.72 -7.48
N ASP D 10 17.01 14.90 -6.88
CA ASP D 10 18.22 15.66 -7.16
C ASP D 10 19.45 14.96 -6.61
N THR D 11 19.34 14.33 -5.45
CA THR D 11 20.47 13.58 -4.90
C THR D 11 20.83 12.39 -5.79
N LEU D 12 19.82 11.71 -6.34
CA LEU D 12 20.08 10.67 -7.32
C LEU D 12 20.72 11.26 -8.57
N ARG D 13 20.31 12.47 -8.96
CA ARG D 13 20.94 13.15 -10.09
C ARG D 13 22.42 13.36 -9.85
N GLN D 14 22.76 13.92 -8.69
CA GLN D 14 24.18 14.14 -8.36
C GLN D 14 24.91 12.82 -8.17
N TRP D 15 24.22 11.78 -7.70
CA TRP D 15 24.88 10.50 -7.52
C TRP D 15 25.21 9.84 -8.86
N LEU D 16 24.33 9.99 -9.85
CA LEU D 16 24.68 9.55 -11.20
C LEU D 16 25.81 10.39 -11.77
N ASP D 17 25.86 11.68 -11.42
CA ASP D 17 26.99 12.52 -11.81
C ASP D 17 28.29 11.96 -11.23
N ASP D 18 28.27 11.53 -9.97
CA ASP D 18 29.47 11.05 -9.31
C ASP D 18 30.00 9.76 -9.92
N LEU D 19 29.14 8.97 -10.58
CA LEU D 19 29.53 7.71 -11.18
C LEU D 19 29.81 7.81 -12.67
N GLY D 20 29.73 9.00 -13.26
CA GLY D 20 29.95 9.14 -14.68
C GLY D 20 28.85 8.57 -15.54
N MET D 21 27.65 8.38 -14.98
CA MET D 21 26.51 7.88 -15.73
C MET D 21 25.61 9.03 -16.15
N SER D 22 25.26 9.06 -17.43
CA SER D 22 24.43 10.12 -17.97
C SER D 22 22.96 9.74 -17.92
N PHE D 23 22.12 10.75 -17.78
CA PHE D 23 20.67 10.59 -17.81
C PHE D 23 20.07 11.61 -18.77
N PHE D 24 18.83 11.36 -19.17
CA PHE D 24 18.13 12.26 -20.07
C PHE D 24 17.43 13.37 -19.28
N GLU D 25 17.52 14.59 -19.80
CA GLU D 25 16.80 15.71 -19.21
C GLU D 25 15.34 15.66 -19.62
N CYS D 26 14.49 16.18 -18.74
CA CYS D 26 13.06 15.92 -18.88
C CYS D 26 12.19 17.14 -18.64
N CYS D 29 8.51 14.23 -17.29
CA CYS D 29 8.83 12.97 -16.64
C CYS D 29 8.84 13.10 -15.12
N GLN D 30 9.07 11.96 -14.46
CA GLN D 30 9.49 11.92 -13.07
C GLN D 30 10.60 10.91 -12.82
N ALA D 31 10.90 10.05 -13.79
CA ALA D 31 12.04 9.15 -13.70
C ALA D 31 13.26 9.77 -14.38
N LEU D 32 14.39 9.11 -14.21
CA LEU D 32 15.65 9.51 -14.84
C LEU D 32 15.99 8.45 -15.87
N HIS D 33 15.73 8.74 -17.13
CA HIS D 33 15.93 7.76 -18.19
C HIS D 33 17.42 7.59 -18.48
N LEU D 34 17.84 6.38 -18.77
CA LEU D 34 19.21 6.18 -19.07
C LEU D 34 19.33 5.57 -20.42
N PRO D 35 20.33 6.04 -21.19
CA PRO D 35 20.81 5.70 -22.53
C PRO D 35 21.52 4.36 -22.73
N ASN D 39 21.96 -0.31 -25.29
CA ASN D 39 22.83 -1.12 -26.13
C ASN D 39 22.45 -2.61 -26.12
N PHE D 40 22.31 -3.21 -24.94
CA PHE D 40 21.97 -4.63 -24.85
C PHE D 40 20.61 -4.89 -25.50
N ASP D 41 20.64 -5.39 -26.73
CA ASP D 41 19.48 -5.35 -27.62
C ASP D 41 18.25 -6.00 -26.99
N GLY D 42 17.10 -5.39 -27.24
CA GLY D 42 15.85 -5.79 -26.64
C GLY D 42 15.22 -4.62 -25.89
N VAL D 43 16.00 -4.02 -24.98
CA VAL D 43 15.50 -2.92 -24.17
C VAL D 43 15.28 -1.70 -25.05
N PHE D 44 14.11 -1.06 -24.89
CA PHE D 44 13.85 0.20 -25.56
C PHE D 44 13.86 1.39 -24.60
N ASP D 45 13.84 1.15 -23.29
CA ASP D 45 14.00 2.22 -22.32
C ASP D 45 14.38 1.63 -20.97
N ALA D 46 15.35 2.27 -20.31
CA ALA D 46 15.72 1.98 -18.94
C ALA D 46 15.73 3.28 -18.17
N LYS D 47 15.28 3.24 -16.92
CA LYS D 47 15.09 4.46 -16.14
C LYS D 47 15.23 4.16 -14.66
N ILE D 48 15.23 5.24 -13.87
CA ILE D 48 15.35 5.18 -12.42
C ILE D 48 14.16 5.92 -11.83
N ASP D 49 13.35 5.21 -11.05
CA ASP D 49 12.16 5.78 -10.43
C ASP D 49 12.37 5.93 -8.93
N LEU D 50 11.66 6.90 -8.34
CA LEU D 50 11.70 7.15 -6.90
C LEU D 50 10.24 7.24 -6.43
N ILE D 51 9.67 6.11 -6.04
CA ILE D 51 8.26 6.00 -5.68
C ILE D 51 8.16 5.56 -4.24
N ASP D 52 7.55 6.38 -3.40
CA ASP D 52 7.23 6.06 -2.00
C ASP D 52 8.44 5.50 -1.26
N ASN D 53 9.51 6.30 -1.25
CA ASN D 53 10.76 5.94 -0.58
C ASN D 53 11.31 4.61 -1.09
N THR D 54 11.22 4.39 -2.40
CA THR D 54 11.79 3.21 -3.03
C THR D 54 12.38 3.62 -4.37
N ILE D 55 13.67 3.35 -4.56
CA ILE D 55 14.33 3.58 -5.84
C ILE D 55 14.12 2.35 -6.71
N LEU D 56 13.76 2.56 -7.97
CA LEU D 56 13.47 1.48 -8.91
C LEU D 56 14.33 1.64 -10.14
N PHE D 57 15.11 0.61 -10.45
CA PHE D 57 15.85 0.50 -11.70
C PHE D 57 15.11 -0.51 -12.57
N SER D 58 14.46 -0.03 -13.63
CA SER D 58 13.68 -0.89 -14.50
C SER D 58 14.09 -0.69 -15.95
N ALA D 59 13.94 -1.75 -16.73
CA ALA D 59 14.18 -1.72 -18.17
C ALA D 59 13.02 -2.39 -18.88
N MET D 60 12.61 -1.82 -20.01
CA MET D 60 11.44 -2.28 -20.75
C MET D 60 11.85 -2.75 -22.13
N ALA D 61 11.30 -3.89 -22.54
CA ALA D 61 11.56 -4.47 -23.85
C ALA D 61 10.24 -4.91 -24.47
N GLU D 62 9.99 -4.50 -25.71
CA GLU D 62 8.75 -4.85 -26.38
C GLU D 62 8.81 -6.30 -26.83
N VAL D 63 7.77 -7.06 -26.48
CA VAL D 63 7.69 -8.49 -26.80
C VAL D 63 6.97 -8.65 -28.13
N ARG D 64 7.46 -9.56 -28.95
CA ARG D 64 6.74 -9.90 -30.18
C ARG D 64 5.51 -10.74 -29.80
N PRO D 65 4.34 -10.44 -30.35
CA PRO D 65 3.12 -11.13 -29.92
C PRO D 65 3.18 -12.64 -30.08
N SER D 66 3.96 -13.15 -31.02
CA SER D 66 4.09 -14.60 -31.20
C SER D 66 4.74 -15.28 -30.00
N ALA D 67 5.31 -14.53 -29.07
CA ALA D 67 6.02 -15.10 -27.93
C ALA D 67 5.41 -14.72 -26.59
N VAL D 68 4.26 -14.03 -26.58
CA VAL D 68 3.68 -13.57 -25.32
C VAL D 68 3.35 -14.75 -24.42
N LEU D 69 2.65 -15.75 -24.96
CA LEU D 69 2.29 -16.92 -24.15
C LEU D 69 3.52 -17.69 -23.69
N PRO D 70 4.50 -18.00 -24.54
CA PRO D 70 5.71 -18.69 -24.01
C PRO D 70 6.43 -17.91 -22.95
N LEU D 71 6.64 -16.60 -23.16
CA LEU D 71 7.37 -15.80 -22.19
C LEU D 71 6.60 -15.70 -20.87
N ALA D 72 5.27 -15.64 -20.94
CA ALA D 72 4.47 -15.61 -19.71
C ALA D 72 4.61 -16.90 -18.93
N ALA D 73 4.72 -18.03 -19.63
CA ALA D 73 4.93 -19.31 -18.97
C ALA D 73 6.30 -19.41 -18.32
N ASP D 74 7.28 -18.66 -18.81
CA ASP D 74 8.65 -18.70 -18.30
C ASP D 74 8.92 -17.63 -17.24
N LEU D 75 7.92 -16.82 -16.88
CA LEU D 75 8.15 -15.73 -15.94
C LEU D 75 8.57 -16.25 -14.57
N SER D 76 8.00 -17.38 -14.15
CA SER D 76 8.37 -17.95 -12.85
C SER D 76 9.82 -18.42 -12.84
N ALA D 77 10.23 -19.13 -13.89
CA ALA D 77 11.62 -19.58 -13.98
C ALA D 77 12.57 -18.40 -14.09
N ILE D 78 12.14 -17.33 -14.77
CA ILE D 78 12.99 -16.14 -14.91
C ILE D 78 13.16 -15.45 -13.56
N ASN D 79 12.09 -15.33 -12.79
CA ASN D 79 12.19 -14.68 -11.49
C ASN D 79 12.99 -15.51 -10.50
N ALA D 80 12.93 -16.85 -10.61
CA ALA D 80 13.70 -17.70 -9.72
C ALA D 80 15.16 -17.83 -10.14
N SER D 81 15.49 -17.45 -11.37
CA SER D 81 16.89 -17.50 -11.80
C SER D 81 17.73 -16.38 -11.22
N SER D 82 17.10 -15.37 -10.60
CA SER D 82 17.82 -14.23 -10.06
C SER D 82 17.44 -14.02 -8.59
N LEU D 83 18.42 -13.58 -7.80
CA LEU D 83 18.17 -13.26 -6.40
C LEU D 83 17.56 -11.88 -6.22
N THR D 84 17.75 -10.96 -7.17
CA THR D 84 17.39 -9.57 -6.92
C THR D 84 16.47 -8.96 -7.97
N VAL D 85 16.49 -9.46 -9.20
CA VAL D 85 15.77 -8.81 -10.29
C VAL D 85 14.39 -9.46 -10.44
N LYS D 86 13.41 -8.66 -10.87
CA LYS D 86 12.04 -9.09 -11.08
C LYS D 86 11.67 -8.88 -12.54
N ALA D 87 10.86 -9.79 -13.09
CA ALA D 87 10.39 -9.69 -14.46
C ALA D 87 8.89 -9.91 -14.50
N PHE D 88 8.19 -9.07 -15.27
CA PHE D 88 6.76 -9.26 -15.49
C PHE D 88 6.37 -8.60 -16.82
N LEU D 89 5.13 -8.84 -17.22
CA LEU D 89 4.61 -8.34 -18.49
C LEU D 89 3.67 -7.17 -18.24
N ASP D 90 3.75 -6.17 -19.12
CA ASP D 90 2.84 -5.03 -19.13
C ASP D 90 2.14 -5.01 -20.48
N MET D 91 0.85 -5.35 -20.48
CA MET D 91 0.08 -5.51 -21.72
C MET D 91 -1.12 -4.59 -21.69
N GLN D 92 -1.06 -3.53 -22.51
CA GLN D 92 -2.16 -2.60 -22.69
C GLN D 92 -2.77 -2.77 -24.07
N ASP D 93 -4.01 -2.29 -24.21
CA ASP D 93 -4.78 -2.57 -25.42
C ASP D 93 -4.29 -1.77 -26.63
N ASP D 94 -3.50 -0.71 -26.42
CA ASP D 94 -3.02 0.10 -27.53
C ASP D 94 -1.52 -0.02 -27.77
N ASN D 95 -0.77 -0.57 -26.83
CA ASN D 95 0.66 -0.76 -26.98
C ASN D 95 0.97 -2.21 -27.31
N LEU D 96 2.19 -2.43 -27.82
CA LEU D 96 2.69 -3.78 -27.94
C LEU D 96 3.05 -4.31 -26.55
N PRO D 97 3.00 -5.62 -26.35
CA PRO D 97 3.32 -6.19 -25.04
C PRO D 97 4.77 -5.89 -24.64
N LYS D 98 4.94 -5.37 -23.44
CA LYS D 98 6.25 -4.99 -22.92
C LYS D 98 6.68 -5.96 -21.83
N LEU D 99 7.98 -6.25 -21.79
CA LEU D 99 8.59 -6.99 -20.70
C LEU D 99 9.32 -6.01 -19.80
N VAL D 100 9.00 -6.02 -18.51
CA VAL D 100 9.60 -5.10 -17.55
C VAL D 100 10.54 -5.92 -16.67
N VAL D 101 11.80 -5.48 -16.60
CA VAL D 101 12.83 -6.11 -15.78
C VAL D 101 13.29 -5.07 -14.77
N CYS D 102 13.03 -5.31 -13.49
CA CYS D 102 13.21 -4.28 -12.48
C CYS D 102 13.95 -4.83 -11.27
N GLN D 103 14.59 -3.91 -10.55
CA GLN D 103 15.21 -4.19 -9.26
C GLN D 103 15.04 -2.95 -8.40
N SER D 104 14.60 -3.14 -7.17
CA SER D 104 14.28 -2.03 -6.28
C SER D 104 15.24 -1.98 -5.11
N LEU D 105 15.46 -0.76 -4.61
CA LEU D 105 16.26 -0.50 -3.42
C LEU D 105 15.45 0.41 -2.51
N SER D 106 14.85 -0.15 -1.48
CA SER D 106 14.04 0.65 -0.57
C SER D 106 14.94 1.55 0.27
N VAL D 107 14.44 2.74 0.58
CA VAL D 107 15.28 3.82 1.06
C VAL D 107 14.63 4.52 2.25
N MET D 108 13.57 3.90 2.79
CA MET D 108 12.83 4.51 3.90
C MET D 108 13.72 4.87 5.08
N GLN D 109 14.75 4.06 5.35
CA GLN D 109 15.67 4.31 6.45
C GLN D 109 17.03 4.80 5.95
N GLY D 110 17.03 5.58 4.87
CA GLY D 110 18.26 6.12 4.33
C GLY D 110 18.99 5.13 3.44
N VAL D 111 20.06 5.63 2.81
CA VAL D 111 20.92 4.81 1.96
C VAL D 111 22.26 5.51 1.86
N THR D 112 23.31 4.73 1.65
CA THR D 112 24.62 5.29 1.39
C THR D 112 24.83 5.46 -0.11
N TYR D 113 25.94 6.09 -0.46
CA TYR D 113 26.23 6.37 -1.86
C TYR D 113 26.72 5.12 -2.58
N GLU D 114 27.46 4.25 -1.89
CA GLU D 114 27.94 3.01 -2.47
C GLU D 114 26.86 1.93 -2.46
N GLN D 115 25.90 2.00 -1.54
CA GLN D 115 24.73 1.14 -1.63
C GLN D 115 23.94 1.45 -2.89
N PHE D 116 23.86 2.73 -3.26
CA PHE D 116 23.20 3.10 -4.51
C PHE D 116 24.07 2.76 -5.72
N ALA D 117 25.39 2.98 -5.60
CA ALA D 117 26.29 2.69 -6.72
C ALA D 117 26.31 1.19 -7.02
N TRP D 118 26.37 0.35 -5.99
CA TRP D 118 26.31 -1.09 -6.21
C TRP D 118 24.93 -1.53 -6.66
N PHE D 119 23.88 -0.85 -6.17
CA PHE D 119 22.53 -1.13 -6.65
C PHE D 119 22.43 -0.92 -8.15
N VAL D 120 23.13 0.08 -8.69
CA VAL D 120 23.12 0.31 -10.12
C VAL D 120 23.91 -0.78 -10.83
N ARG D 121 25.13 -1.07 -10.36
CA ARG D 121 25.95 -2.09 -11.01
C ARG D 121 25.28 -3.45 -10.98
N GLN D 122 24.67 -3.81 -9.85
CA GLN D 122 24.06 -5.13 -9.72
C GLN D 122 22.82 -5.25 -10.60
N SER D 123 22.01 -4.20 -10.67
CA SER D 123 20.80 -4.25 -11.50
C SER D 123 21.15 -4.28 -12.98
N GLU D 124 22.12 -3.48 -13.40
CA GLU D 124 22.54 -3.49 -14.81
C GLU D 124 22.99 -4.88 -15.25
N GLU D 125 23.78 -5.56 -14.42
CA GLU D 125 24.25 -6.89 -14.80
C GLU D 125 23.16 -7.95 -14.66
N GLN D 126 22.24 -7.77 -13.70
CA GLN D 126 21.16 -8.74 -13.56
C GLN D 126 20.04 -8.49 -14.56
N ILE D 127 19.74 -7.22 -14.86
CA ILE D 127 18.72 -6.91 -15.84
C ILE D 127 19.17 -7.31 -17.24
N SER D 128 20.41 -6.95 -17.61
CA SER D 128 20.93 -7.32 -18.92
C SER D 128 21.04 -8.83 -19.07
N MET D 129 21.19 -9.57 -17.97
CA MET D 129 21.23 -11.03 -18.06
C MET D 129 19.86 -11.60 -18.41
N VAL D 130 18.78 -10.97 -17.94
CA VAL D 130 17.45 -11.39 -18.33
C VAL D 130 17.14 -10.97 -19.76
N ILE D 131 17.49 -9.73 -20.11
CA ILE D 131 17.22 -9.22 -21.45
C ILE D 131 18.06 -9.96 -22.48
N LEU D 132 19.30 -10.32 -22.11
CA LEU D 132 20.16 -11.06 -23.05
C LEU D 132 19.58 -12.45 -23.34
N GLU D 133 18.95 -13.06 -22.34
CA GLU D 133 18.45 -14.43 -22.51
C GLU D 133 17.14 -14.45 -23.30
N ALA D 134 16.22 -13.54 -23.00
CA ALA D 134 14.96 -13.50 -23.73
C ALA D 134 15.17 -13.16 -25.20
N ASN D 135 16.06 -12.19 -25.47
CA ASN D 135 16.36 -11.85 -26.86
C ASN D 135 17.10 -12.96 -27.56
N ALA D 136 17.94 -13.71 -26.85
CA ALA D 136 18.60 -14.86 -27.44
C ALA D 136 17.63 -15.97 -27.80
N HIS D 137 16.44 -15.98 -27.18
CA HIS D 137 15.41 -16.97 -27.47
C HIS D 137 14.33 -16.42 -28.40
N GLN D 138 14.61 -15.30 -29.07
CA GLN D 138 13.69 -14.72 -30.06
C GLN D 138 12.32 -14.42 -29.44
N LEU D 139 12.35 -13.74 -28.29
CA LEU D 139 11.12 -13.34 -27.62
C LEU D 139 10.87 -11.84 -27.65
N LEU D 140 11.83 -11.04 -28.12
CA LEU D 140 11.70 -9.59 -28.13
C LEU D 140 11.78 -9.07 -29.56
N LEU D 141 11.42 -7.80 -29.73
CA LEU D 141 11.47 -7.01 -30.94
C LEU D 141 12.70 -6.12 -30.96
N PRO D 142 13.23 -5.78 -32.15
CA PRO D 142 14.39 -4.88 -32.23
C PRO D 142 14.03 -3.42 -31.95
CL CL E . -6.65 22.51 -1.77
CL CL F . 11.43 -24.37 -0.94
#